data_7K31
#
_entry.id   7K31
#
_cell.length_a   151.120
_cell.length_b   151.120
_cell.length_c   117.580
_cell.angle_alpha   90.000
_cell.angle_beta   90.000
_cell.angle_gamma   120.000
#
_symmetry.space_group_name_H-M   'H 3'
#
loop_
_entity.id
_entity.type
_entity.pdbx_description
1 polymer 'Endonuclease Q'
2 polymer 'DNA (27-MER)'
3 polymer 'DNA (27-MER)'
4 non-polymer 1,2-ETHANEDIOL
5 non-polymer 'ZINC ION'
6 non-polymer 'MAGNESIUM ION'
7 non-polymer 'CHLORIDE ION'
8 water water
#
loop_
_entity_poly.entity_id
_entity_poly.type
_entity_poly.pdbx_seq_one_letter_code
_entity_poly.pdbx_strand_id
1 'polypeptide(L)'
;MIVDGDLHIHSHYSKAVSKLMTFPIIAENAKLKGLNLVGTGDSLNPHWEKELLKHSKPIDDGTFEVNGVKFILTCEVEDK
RRVHHLLIFPTLSQVREFREKVKIYSTNIESEGRPNLNLTAEEIAEMANELDILIGPAHAFTPWTSLYKEYDSLKDAYGD
AKIDFLELGLSADSDMADMIKAHHSIPYLSNSNAHSPNPHRLGREFNRFEVKDVTFEEIRKAIKGVGGRKIMLNAGLDPR
LGKYHLTACSRCYTKYTLQDAVSLSWKCPKCGGIIKKGVRDRILELADTSEKPKDRPPYVRLAPLAEIIAMVLGKGIESK
AVKLLWNRFLREFGSEIRVLIDLPIESIASVHEGVAKAIWAYRNNKLIIVPGGGGKYGEIRIPEEILKAKIEDLN
;
A
2 'polydeoxyribonucleotide'
;(DG)(DT)(DC)(DG)(DT)(DT)(DC)(DG)(DC)(DT)(DA)(DC)(DA)(DT)(DG)(DT)(DC)(DG)(DT)(DC)
(DG)(DG)(DT)(DC)(DT)(DG)(DC)
;
B
3 'polydeoxyribonucleotide'
;(DG)(DC)(DA)(DG)(DA)(DC)(DC)(DG)(DA)(DC)(DG)(DA)(DC)(DI)(DT)(DG)(DT)(DA)(DG)(DC)
(DG)(DA)(DA)(DC)(DG)(DA)(DC)
;
C
#
# COMPACT_ATOMS: atom_id res chain seq x y z
N MET A 1 22.47 0.87 5.20
CA MET A 1 21.81 1.94 4.46
C MET A 1 20.31 1.91 4.68
N ILE A 2 19.66 3.07 4.56
CA ILE A 2 18.24 3.22 4.81
C ILE A 2 17.55 3.45 3.47
N VAL A 3 16.60 2.56 3.12
CA VAL A 3 15.92 2.63 1.84
C VAL A 3 14.41 2.60 2.03
N ASP A 4 13.70 3.18 1.07
CA ASP A 4 12.24 3.18 1.04
C ASP A 4 11.78 2.23 -0.06
N GLY A 5 10.94 1.27 0.30
CA GLY A 5 10.54 0.22 -0.62
C GLY A 5 9.04 0.04 -0.68
N ASP A 6 8.54 -0.24 -1.87
CA ASP A 6 7.11 -0.41 -2.14
C ASP A 6 6.96 -1.76 -2.83
N LEU A 7 6.51 -2.77 -2.09
CA LEU A 7 6.58 -4.15 -2.54
C LEU A 7 5.29 -4.65 -3.18
N HIS A 8 4.34 -3.76 -3.48
CA HIS A 8 3.06 -4.20 -4.06
C HIS A 8 2.63 -3.18 -5.13
N ILE A 9 3.01 -3.45 -6.38
CA ILE A 9 2.50 -2.72 -7.52
C ILE A 9 2.04 -3.75 -8.55
N HIS A 10 1.22 -3.29 -9.49
CA HIS A 10 0.69 -4.15 -10.54
C HIS A 10 1.11 -3.62 -11.89
N SER A 11 1.58 -4.51 -12.75
CA SER A 11 2.00 -4.15 -14.09
C SER A 11 0.79 -3.84 -14.97
N HIS A 12 1.05 -3.57 -16.25
CA HIS A 12 -0.02 -3.31 -17.20
C HIS A 12 -0.76 -4.57 -17.63
N TYR A 13 -0.25 -5.76 -17.28
CA TYR A 13 -0.95 -7.00 -17.58
C TYR A 13 -2.13 -7.24 -16.65
N SER A 14 -2.12 -6.63 -15.46
CA SER A 14 -3.24 -6.77 -14.55
C SER A 14 -4.45 -5.99 -15.08
N LYS A 15 -5.58 -6.21 -14.43
CA LYS A 15 -6.82 -5.55 -14.81
C LYS A 15 -7.01 -4.27 -14.00
N ALA A 16 -7.73 -3.31 -14.60
CA ALA A 16 -8.03 -2.03 -13.97
C ALA A 16 -6.77 -1.23 -13.63
N VAL A 17 -5.70 -1.46 -14.39
CA VAL A 17 -4.46 -0.72 -14.19
C VAL A 17 -4.20 0.16 -15.41
N SER A 18 -3.14 0.96 -15.34
CA SER A 18 -2.78 1.86 -16.42
C SER A 18 -1.83 1.16 -17.38
N LYS A 19 -1.97 1.48 -18.67
CA LYS A 19 -1.04 0.95 -19.66
C LYS A 19 0.37 1.51 -19.47
N LEU A 20 0.50 2.68 -18.83
CA LEU A 20 1.80 3.28 -18.58
C LEU A 20 2.61 2.52 -17.52
N MET A 21 2.01 1.55 -16.85
CA MET A 21 2.68 0.80 -15.79
C MET A 21 3.64 -0.19 -16.42
N THR A 22 4.77 0.33 -16.89
CA THR A 22 5.85 -0.48 -17.43
C THR A 22 7.13 -0.18 -16.66
N PHE A 23 8.11 -1.07 -16.81
CA PHE A 23 9.36 -0.95 -16.06
C PHE A 23 10.03 0.42 -16.19
N PRO A 24 10.24 0.98 -17.39
CA PRO A 24 10.89 2.29 -17.47
C PRO A 24 10.08 3.41 -16.81
N ILE A 25 8.77 3.48 -17.08
CA ILE A 25 7.94 4.52 -16.48
C ILE A 25 7.89 4.37 -14.96
N ILE A 26 7.72 3.13 -14.49
CA ILE A 26 7.70 2.88 -13.05
C ILE A 26 9.01 3.33 -12.40
N ALA A 27 10.14 2.99 -13.04
CA ALA A 27 11.43 3.39 -12.49
C ALA A 27 11.58 4.90 -12.49
N GLU A 28 11.18 5.57 -13.58
CA GLU A 28 11.29 7.02 -13.64
C GLU A 28 10.48 7.69 -12.52
N ASN A 29 9.23 7.25 -12.33
CA ASN A 29 8.39 7.90 -11.33
C ASN A 29 8.82 7.54 -9.91
N ALA A 30 9.30 6.32 -9.67
CA ALA A 30 9.82 5.98 -8.37
C ALA A 30 11.09 6.75 -8.04
N LYS A 31 11.92 7.01 -9.06
CA LYS A 31 13.13 7.81 -8.84
C LYS A 31 12.77 9.26 -8.55
N LEU A 32 11.85 9.83 -9.34
CA LEU A 32 11.45 11.20 -9.12
C LEU A 32 10.74 11.37 -7.78
N LYS A 33 10.10 10.31 -7.27
CA LYS A 33 9.42 10.38 -5.99
C LYS A 33 10.33 10.09 -4.80
N GLY A 34 11.56 9.64 -5.04
CA GLY A 34 12.45 9.28 -3.96
C GLY A 34 12.22 7.89 -3.40
N LEU A 35 11.96 6.92 -4.27
CA LEU A 35 11.67 5.55 -3.87
C LEU A 35 12.85 4.69 -4.32
N ASN A 36 13.58 4.13 -3.35
CA ASN A 36 14.80 3.40 -3.68
C ASN A 36 14.52 2.00 -4.17
N LEU A 37 13.42 1.39 -3.74
CA LEU A 37 13.12 0.00 -4.05
C LEU A 37 11.65 -0.14 -4.40
N VAL A 38 11.36 -0.91 -5.45
CA VAL A 38 9.99 -1.15 -5.89
C VAL A 38 9.85 -2.62 -6.26
N GLY A 39 8.89 -3.31 -5.66
CA GLY A 39 8.64 -4.68 -6.04
C GLY A 39 8.14 -4.78 -7.48
N THR A 40 8.58 -5.82 -8.18
CA THR A 40 8.23 -5.95 -9.59
C THR A 40 6.73 -6.07 -9.79
N GLY A 41 6.07 -6.89 -8.97
CA GLY A 41 4.66 -7.13 -9.14
C GLY A 41 4.38 -8.03 -10.34
N ASP A 42 3.33 -8.84 -10.26
CA ASP A 42 2.90 -9.70 -11.38
C ASP A 42 4.03 -10.60 -11.88
N SER A 43 4.94 -10.99 -10.98
CA SER A 43 6.11 -11.75 -11.39
C SER A 43 5.77 -13.15 -11.90
N LEU A 44 4.60 -13.68 -11.57
CA LEU A 44 4.21 -14.99 -12.08
C LEU A 44 3.94 -14.94 -13.58
N ASN A 45 3.50 -13.80 -14.09
CA ASN A 45 3.22 -13.67 -15.51
C ASN A 45 4.53 -13.73 -16.30
N PRO A 46 4.67 -14.67 -17.24
CA PRO A 46 5.97 -14.80 -17.93
C PRO A 46 6.31 -13.62 -18.83
N HIS A 47 5.32 -12.94 -19.41
CA HIS A 47 5.62 -11.80 -20.26
C HIS A 47 6.20 -10.65 -19.45
N TRP A 48 5.69 -10.43 -18.24
CA TRP A 48 6.27 -9.43 -17.37
C TRP A 48 7.70 -9.80 -16.97
N GLU A 49 7.97 -11.10 -16.79
CA GLU A 49 9.33 -11.54 -16.54
C GLU A 49 10.24 -11.24 -17.72
N LYS A 50 9.75 -11.43 -18.94
CA LYS A 50 10.52 -11.08 -20.12
C LYS A 50 10.82 -9.59 -20.17
N GLU A 51 9.80 -8.77 -19.90
CA GLU A 51 10.00 -7.33 -19.86
C GLU A 51 11.01 -6.93 -18.79
N LEU A 52 11.00 -7.62 -17.65
CA LEU A 52 11.97 -7.35 -16.59
C LEU A 52 13.38 -7.69 -17.06
N LEU A 53 13.56 -8.89 -17.59
CA LEU A 53 14.88 -9.29 -18.06
C LEU A 53 15.38 -8.38 -19.17
N LYS A 54 14.47 -7.80 -19.95
CA LYS A 54 14.88 -6.87 -20.99
C LYS A 54 15.31 -5.53 -20.41
N HIS A 55 14.40 -4.85 -19.70
CA HIS A 55 14.61 -3.48 -19.29
C HIS A 55 15.44 -3.34 -18.01
N SER A 56 16.00 -4.41 -17.48
CA SER A 56 16.75 -4.35 -16.24
C SER A 56 18.10 -5.04 -16.39
N LYS A 57 18.98 -4.77 -15.43
CA LYS A 57 20.29 -5.39 -15.32
C LYS A 57 20.39 -6.11 -13.98
N PRO A 58 20.99 -7.31 -13.95
CA PRO A 58 20.94 -8.12 -12.72
C PRO A 58 21.88 -7.58 -11.65
N ILE A 59 21.34 -7.39 -10.46
CA ILE A 59 22.16 -7.13 -9.27
C ILE A 59 22.60 -8.43 -8.62
N ASP A 60 21.67 -9.36 -8.45
CA ASP A 60 22.00 -10.74 -8.12
C ASP A 60 20.94 -11.64 -8.75
N ASP A 61 20.87 -12.89 -8.29
CA ASP A 61 19.91 -13.82 -8.88
C ASP A 61 18.46 -13.50 -8.51
N GLY A 62 18.21 -12.51 -7.66
CA GLY A 62 16.84 -12.18 -7.29
C GLY A 62 16.55 -10.70 -7.16
N THR A 63 17.55 -9.85 -7.43
CA THR A 63 17.37 -8.41 -7.41
C THR A 63 17.82 -7.84 -8.74
N PHE A 64 17.04 -6.91 -9.26
CA PHE A 64 17.30 -6.30 -10.56
C PHE A 64 17.38 -4.80 -10.40
N GLU A 65 17.89 -4.12 -11.43
CA GLU A 65 18.01 -2.68 -11.40
C GLU A 65 17.63 -2.10 -12.75
N VAL A 66 16.86 -1.01 -12.72
CA VAL A 66 16.49 -0.29 -13.93
C VAL A 66 16.38 1.20 -13.60
N ASN A 67 17.12 2.02 -14.35
CA ASN A 67 17.13 3.47 -14.17
C ASN A 67 17.52 3.86 -12.74
N GLY A 68 18.45 3.10 -12.16
CA GLY A 68 18.89 3.35 -10.81
C GLY A 68 17.92 2.90 -9.72
N VAL A 69 16.80 2.29 -10.09
CA VAL A 69 15.82 1.81 -9.12
C VAL A 69 15.96 0.30 -9.01
N LYS A 70 16.10 -0.19 -7.78
CA LYS A 70 16.16 -1.62 -7.55
C LYS A 70 14.76 -2.24 -7.54
N PHE A 71 14.71 -3.54 -7.83
CA PHE A 71 13.46 -4.27 -7.97
C PHE A 71 13.61 -5.66 -7.41
N ILE A 72 12.68 -6.06 -6.55
CA ILE A 72 12.62 -7.44 -6.05
C ILE A 72 11.34 -8.06 -6.57
N LEU A 73 11.37 -9.38 -6.74
CA LEU A 73 10.27 -10.11 -7.34
C LEU A 73 9.09 -10.23 -6.37
N THR A 74 7.96 -9.61 -6.72
CA THR A 74 6.74 -9.70 -5.95
C THR A 74 5.57 -10.04 -6.86
N CYS A 75 4.46 -10.47 -6.26
CA CYS A 75 3.25 -10.78 -7.01
C CYS A 75 2.05 -10.83 -6.06
N GLU A 76 0.86 -10.58 -6.62
CA GLU A 76 -0.40 -10.75 -5.90
C GLU A 76 -1.26 -11.76 -6.64
N VAL A 77 -1.83 -12.71 -5.89
CA VAL A 77 -2.66 -13.77 -6.45
C VAL A 77 -4.02 -13.77 -5.76
N GLU A 78 -5.00 -14.36 -6.43
CA GLU A 78 -6.36 -14.44 -5.91
C GLU A 78 -6.69 -15.87 -5.53
N ASP A 79 -7.39 -16.03 -4.40
CA ASP A 79 -7.68 -17.31 -3.79
C ASP A 79 -8.83 -18.01 -4.51
N LYS A 80 -8.94 -19.32 -4.26
CA LYS A 80 -10.13 -20.07 -4.63
C LYS A 80 -11.37 -19.47 -3.98
N ARG A 81 -11.20 -18.78 -2.85
CA ARG A 81 -12.29 -18.13 -2.12
C ARG A 81 -12.25 -16.61 -2.30
N ARG A 82 -11.58 -16.12 -3.33
CA ARG A 82 -11.48 -14.69 -3.62
C ARG A 82 -10.85 -13.92 -2.45
N VAL A 83 -9.63 -14.32 -2.07
CA VAL A 83 -8.86 -13.66 -0.98
C VAL A 83 -7.51 -13.34 -1.60
N HIS A 84 -7.13 -12.07 -1.62
CA HIS A 84 -5.88 -11.68 -2.31
C HIS A 84 -4.66 -11.95 -1.41
N HIS A 85 -3.56 -12.43 -1.99
CA HIS A 85 -2.34 -12.76 -1.21
C HIS A 85 -1.11 -12.15 -1.89
N LEU A 86 -0.08 -11.78 -1.14
CA LEU A 86 1.12 -11.15 -1.65
C LEU A 86 2.30 -12.08 -1.41
N LEU A 87 3.16 -12.20 -2.42
CA LEU A 87 4.29 -13.13 -2.41
C LEU A 87 5.55 -12.40 -2.84
N ILE A 88 6.63 -12.63 -2.11
CA ILE A 88 7.97 -12.12 -2.42
C ILE A 88 8.85 -13.33 -2.69
N PHE A 89 9.50 -13.33 -3.85
CA PHE A 89 10.27 -14.47 -4.34
C PHE A 89 11.76 -14.22 -4.19
N PRO A 90 12.51 -15.18 -3.67
CA PRO A 90 13.96 -15.00 -3.51
C PRO A 90 14.70 -14.79 -4.82
N THR A 91 14.52 -15.73 -5.76
CA THR A 91 15.17 -15.65 -7.06
C THR A 91 14.13 -15.90 -8.15
N LEU A 92 14.55 -15.66 -9.39
CA LEU A 92 13.67 -15.92 -10.53
C LEU A 92 13.43 -17.42 -10.69
N SER A 93 14.35 -18.25 -10.21
CA SER A 93 14.12 -19.69 -10.20
C SER A 93 12.91 -20.05 -9.35
N GLN A 94 12.77 -19.42 -8.18
CA GLN A 94 11.59 -19.66 -7.36
C GLN A 94 10.33 -19.16 -8.05
N VAL A 95 10.40 -18.03 -8.76
CA VAL A 95 9.26 -17.55 -9.53
C VAL A 95 8.81 -18.60 -10.53
N ARG A 96 9.76 -19.11 -11.33
CA ARG A 96 9.41 -20.07 -12.36
C ARG A 96 8.90 -21.37 -11.77
N GLU A 97 9.50 -21.83 -10.67
CA GLU A 97 9.07 -23.07 -10.05
C GLU A 97 7.65 -22.94 -9.52
N PHE A 98 7.36 -21.85 -8.80
CA PHE A 98 6.02 -21.64 -8.29
C PHE A 98 5.01 -21.49 -9.43
N ARG A 99 5.41 -20.83 -10.52
CA ARG A 99 4.52 -20.66 -11.66
C ARG A 99 4.15 -22.01 -12.27
N GLU A 100 5.16 -22.82 -12.59
CA GLU A 100 4.89 -24.15 -13.15
C GLU A 100 4.15 -25.02 -12.16
N LYS A 101 4.32 -24.77 -10.86
CA LYS A 101 3.66 -25.56 -9.84
C LYS A 101 2.16 -25.29 -9.76
N VAL A 102 1.71 -24.14 -10.24
CA VAL A 102 0.32 -23.73 -10.13
C VAL A 102 -0.37 -23.59 -11.48
N LYS A 103 0.29 -24.01 -12.57
CA LYS A 103 -0.35 -23.97 -13.87
C LYS A 103 -1.55 -24.91 -13.93
N ILE A 104 -1.51 -26.03 -13.19
CA ILE A 104 -2.62 -26.97 -13.16
C ILE A 104 -3.75 -26.51 -12.25
N TYR A 105 -3.59 -25.38 -11.56
CA TYR A 105 -4.67 -24.83 -10.73
C TYR A 105 -5.11 -23.45 -11.20
N SER A 106 -4.64 -22.99 -12.36
CA SER A 106 -4.98 -21.66 -12.86
C SER A 106 -5.15 -21.71 -14.36
N THR A 107 -6.00 -20.81 -14.87
CA THR A 107 -6.26 -20.71 -16.29
C THR A 107 -5.77 -19.40 -16.90
N ASN A 108 -5.41 -18.42 -16.08
CA ASN A 108 -5.01 -17.10 -16.57
C ASN A 108 -3.66 -16.70 -16.00
N ILE A 109 -2.83 -17.68 -15.64
CA ILE A 109 -1.51 -17.36 -15.09
C ILE A 109 -0.60 -16.76 -16.15
N GLU A 110 -0.66 -17.28 -17.36
CA GLU A 110 0.09 -16.73 -18.48
C GLU A 110 -0.66 -15.62 -19.21
N SER A 111 -1.83 -15.22 -18.69
CA SER A 111 -2.69 -14.23 -19.32
C SER A 111 -2.77 -12.94 -18.53
N GLU A 112 -3.05 -13.02 -17.23
CA GLU A 112 -3.22 -11.85 -16.39
C GLU A 112 -2.02 -11.68 -15.47
N GLY A 113 -1.77 -10.42 -15.07
CA GLY A 113 -0.74 -10.17 -14.10
C GLY A 113 -1.10 -10.65 -12.70
N ARG A 114 -2.38 -10.48 -12.36
CA ARG A 114 -2.94 -10.96 -11.08
C ARG A 114 -3.70 -12.26 -11.39
N PRO A 115 -3.16 -13.50 -11.23
CA PRO A 115 -3.88 -14.70 -11.65
C PRO A 115 -4.87 -15.17 -10.60
N ASN A 116 -5.75 -16.08 -11.03
CA ASN A 116 -6.73 -16.72 -10.16
C ASN A 116 -6.27 -18.16 -9.97
N LEU A 117 -5.90 -18.49 -8.73
CA LEU A 117 -5.43 -19.83 -8.39
C LEU A 117 -6.57 -20.59 -7.71
N ASN A 118 -6.89 -21.77 -8.25
CA ASN A 118 -7.91 -22.63 -7.65
C ASN A 118 -7.27 -23.45 -6.53
N LEU A 119 -6.86 -22.73 -5.50
CA LEU A 119 -6.15 -23.32 -4.37
C LEU A 119 -6.59 -22.62 -3.09
N THR A 120 -6.61 -23.37 -2.00
CA THR A 120 -6.93 -22.80 -0.69
C THR A 120 -5.81 -21.85 -0.26
N ALA A 121 -6.17 -20.89 0.60
CA ALA A 121 -5.15 -20.01 1.18
C ALA A 121 -4.08 -20.82 1.89
N GLU A 122 -4.49 -21.84 2.65
CA GLU A 122 -3.53 -22.73 3.27
C GLU A 122 -2.64 -23.39 2.22
N GLU A 123 -3.23 -23.82 1.11
CA GLU A 123 -2.45 -24.51 0.08
C GLU A 123 -1.43 -23.59 -0.56
N ILE A 124 -1.85 -22.36 -0.88
CA ILE A 124 -0.93 -21.39 -1.48
C ILE A 124 0.19 -21.04 -0.51
N ALA A 125 -0.16 -20.84 0.76
CA ALA A 125 0.85 -20.51 1.76
C ALA A 125 1.83 -21.66 1.95
N GLU A 126 1.34 -22.90 1.92
CA GLU A 126 2.24 -24.04 2.07
C GLU A 126 3.16 -24.17 0.88
N MET A 127 2.62 -24.00 -0.33
CA MET A 127 3.46 -24.02 -1.53
C MET A 127 4.51 -22.92 -1.49
N ALA A 128 4.17 -21.77 -0.91
CA ALA A 128 5.15 -20.69 -0.79
C ALA A 128 6.22 -21.04 0.25
N ASN A 129 5.81 -21.55 1.40
CA ASN A 129 6.77 -21.88 2.46
C ASN A 129 7.74 -22.97 2.00
N GLU A 130 7.25 -23.93 1.23
CA GLU A 130 8.12 -25.00 0.75
C GLU A 130 9.23 -24.45 -0.13
N LEU A 131 8.94 -23.38 -0.88
CA LEU A 131 9.93 -22.75 -1.76
C LEU A 131 10.53 -21.49 -1.17
N ASP A 132 10.32 -21.25 0.13
CA ASP A 132 10.84 -20.06 0.80
C ASP A 132 10.36 -18.77 0.14
N ILE A 133 9.13 -18.78 -0.37
CA ILE A 133 8.46 -17.59 -0.85
C ILE A 133 7.77 -16.93 0.33
N LEU A 134 7.98 -15.63 0.51
CA LEU A 134 7.31 -14.90 1.58
C LEU A 134 5.87 -14.65 1.17
N ILE A 135 4.92 -14.95 2.05
CA ILE A 135 3.50 -14.82 1.74
C ILE A 135 2.78 -14.09 2.87
N GLY A 136 1.83 -13.23 2.49
CA GLY A 136 1.03 -12.52 3.46
C GLY A 136 -0.27 -11.99 2.88
N PRO A 137 -1.31 -11.89 3.72
CA PRO A 137 -2.61 -11.40 3.24
C PRO A 137 -2.52 -9.93 2.83
N ALA A 138 -2.79 -9.66 1.56
CA ALA A 138 -2.70 -8.31 1.01
C ALA A 138 -4.01 -7.56 1.23
N HIS A 139 -3.90 -6.27 1.55
CA HIS A 139 -5.04 -5.42 1.92
C HIS A 139 -6.04 -6.18 2.80
N ALA A 140 -5.53 -6.65 3.94
CA ALA A 140 -6.16 -7.74 4.69
C ALA A 140 -7.50 -7.39 5.32
N PHE A 141 -8.02 -6.19 5.12
CA PHE A 141 -9.29 -5.82 5.74
C PHE A 141 -10.36 -5.35 4.77
N THR A 142 -10.04 -5.16 3.49
CA THR A 142 -11.04 -4.63 2.56
C THR A 142 -12.21 -5.61 2.44
N PRO A 143 -13.45 -5.11 2.34
CA PRO A 143 -14.60 -6.01 2.42
C PRO A 143 -14.84 -6.85 1.17
N TRP A 144 -14.12 -6.61 0.08
CA TRP A 144 -14.38 -7.32 -1.16
C TRP A 144 -13.50 -8.56 -1.34
N THR A 145 -12.18 -8.38 -1.32
CA THR A 145 -11.24 -9.43 -1.71
C THR A 145 -10.10 -9.53 -0.71
N SER A 146 -10.41 -9.56 0.58
CA SER A 146 -9.38 -9.65 1.60
C SER A 146 -9.51 -10.96 2.37
N LEU A 147 -8.58 -11.17 3.29
CA LEU A 147 -8.64 -12.33 4.16
C LEU A 147 -9.74 -12.17 5.20
N TYR A 148 -9.76 -11.03 5.88
CA TYR A 148 -10.70 -10.82 6.98
C TYR A 148 -12.13 -10.56 6.51
N LYS A 149 -12.37 -10.44 5.21
CA LYS A 149 -13.75 -10.44 4.73
C LYS A 149 -14.29 -11.85 4.59
N GLU A 150 -13.41 -12.82 4.30
CA GLU A 150 -13.79 -14.21 4.15
C GLU A 150 -13.65 -14.97 5.46
N TYR A 151 -12.50 -14.84 6.12
CA TYR A 151 -12.21 -15.56 7.34
C TYR A 151 -12.26 -14.62 8.54
N ASP A 152 -12.31 -15.22 9.73
CA ASP A 152 -12.34 -14.46 10.98
C ASP A 152 -10.99 -14.41 11.69
N SER A 153 -10.04 -15.26 11.31
CA SER A 153 -8.70 -15.23 11.88
C SER A 153 -7.71 -15.71 10.83
N LEU A 154 -6.44 -15.39 11.06
CA LEU A 154 -5.39 -15.90 10.17
C LEU A 154 -5.29 -17.42 10.23
N LYS A 155 -5.52 -18.00 11.41
CA LYS A 155 -5.46 -19.46 11.54
C LYS A 155 -6.58 -20.12 10.76
N ASP A 156 -7.77 -19.52 10.76
CA ASP A 156 -8.88 -20.07 9.99
C ASP A 156 -8.61 -20.06 8.49
N ALA A 157 -7.69 -19.21 8.02
CA ALA A 157 -7.40 -19.13 6.60
C ALA A 157 -6.20 -19.99 6.22
N TYR A 158 -5.11 -19.90 6.99
CA TYR A 158 -3.88 -20.60 6.65
C TYR A 158 -3.70 -21.92 7.39
N GLY A 159 -4.36 -22.11 8.52
CA GLY A 159 -4.23 -23.36 9.25
C GLY A 159 -2.79 -23.58 9.68
N ASP A 160 -2.23 -24.72 9.28
CA ASP A 160 -0.87 -25.07 9.68
C ASP A 160 0.19 -24.31 8.90
N ALA A 161 -0.20 -23.52 7.91
CA ALA A 161 0.77 -22.77 7.12
C ALA A 161 1.26 -21.55 7.87
N LYS A 162 2.36 -20.97 7.39
CA LYS A 162 3.02 -19.84 8.02
C LYS A 162 3.03 -18.66 7.06
N ILE A 163 2.82 -17.46 7.60
CA ILE A 163 2.90 -16.23 6.80
C ILE A 163 4.01 -15.36 7.36
N ASP A 164 4.60 -14.56 6.47
CA ASP A 164 5.79 -13.79 6.80
C ASP A 164 5.54 -12.29 6.96
N PHE A 165 4.32 -11.84 6.71
CA PHE A 165 3.95 -10.44 6.91
C PHE A 165 2.44 -10.33 6.81
N LEU A 166 1.94 -9.11 6.97
CA LEU A 166 0.54 -8.79 6.71
C LEU A 166 0.51 -7.39 6.12
N GLU A 167 0.07 -7.27 4.88
CA GLU A 167 -0.10 -5.96 4.26
C GLU A 167 -1.25 -5.23 4.95
N LEU A 168 -0.95 -4.07 5.53
CA LEU A 168 -1.95 -3.35 6.32
C LEU A 168 -3.07 -2.82 5.44
N GLY A 169 -2.73 -2.16 4.35
CA GLY A 169 -3.70 -1.55 3.48
C GLY A 169 -3.82 -0.05 3.72
N LEU A 170 -4.50 0.61 2.78
CA LEU A 170 -4.67 2.06 2.87
C LEU A 170 -5.41 2.45 4.15
N SER A 171 -6.61 1.90 4.34
CA SER A 171 -7.53 2.26 5.41
C SER A 171 -7.12 1.76 6.78
N ALA A 172 -5.92 1.22 6.99
CA ALA A 172 -5.49 0.77 8.30
C ALA A 172 -4.10 1.31 8.60
N ASP A 173 -3.78 1.39 9.90
CA ASP A 173 -2.43 1.68 10.37
C ASP A 173 -2.03 0.59 11.37
N SER A 174 -0.81 0.69 11.89
CA SER A 174 -0.25 -0.39 12.68
C SER A 174 -1.00 -0.59 14.01
N ASP A 175 -1.55 0.48 14.59
CA ASP A 175 -2.20 0.36 15.88
C ASP A 175 -3.51 -0.42 15.78
N MET A 176 -4.39 0.01 14.87
CA MET A 176 -5.68 -0.66 14.74
C MET A 176 -5.52 -2.10 14.27
N ALA A 177 -4.48 -2.38 13.49
CA ALA A 177 -4.20 -3.77 13.15
C ALA A 177 -3.66 -4.53 14.35
N ASP A 178 -2.85 -3.87 15.19
CA ASP A 178 -2.36 -4.49 16.42
C ASP A 178 -3.47 -4.68 17.45
N MET A 179 -4.66 -4.14 17.21
CA MET A 179 -5.80 -4.49 18.06
C MET A 179 -6.14 -5.97 18.04
N ILE A 180 -5.54 -6.76 17.15
CA ILE A 180 -5.72 -8.20 17.10
C ILE A 180 -4.43 -8.86 17.57
N LYS A 181 -4.53 -9.67 18.63
CA LYS A 181 -3.33 -10.08 19.37
C LYS A 181 -2.40 -10.93 18.52
N ALA A 182 -2.94 -11.80 17.66
CA ALA A 182 -2.11 -12.64 16.82
C ALA A 182 -1.14 -11.79 15.99
N HIS A 183 -1.64 -10.68 15.43
CA HIS A 183 -0.82 -9.81 14.60
C HIS A 183 0.42 -9.30 15.33
N HIS A 184 0.49 -9.44 16.66
CA HIS A 184 1.66 -8.99 17.39
C HIS A 184 2.90 -9.78 17.03
N SER A 185 2.74 -10.97 16.45
CA SER A 185 3.89 -11.79 16.06
C SER A 185 4.24 -11.64 14.59
N ILE A 186 3.66 -10.67 13.89
CA ILE A 186 3.75 -10.61 12.44
C ILE A 186 4.27 -9.26 11.98
N PRO A 187 5.27 -9.21 11.09
CA PRO A 187 5.73 -7.92 10.58
C PRO A 187 4.70 -7.30 9.65
N TYR A 188 4.54 -5.99 9.74
CA TYR A 188 3.60 -5.25 8.91
C TYR A 188 4.28 -4.70 7.67
N LEU A 189 3.56 -4.76 6.55
CA LEU A 189 3.96 -4.10 5.32
C LEU A 189 2.90 -3.08 4.97
N SER A 190 3.33 -1.90 4.54
CA SER A 190 2.44 -0.84 4.08
C SER A 190 2.85 -0.53 2.65
N ASN A 191 2.12 -1.07 1.69
CA ASN A 191 2.43 -0.90 0.27
C ASN A 191 1.33 -0.07 -0.41
N SER A 192 1.54 0.17 -1.69
CA SER A 192 0.65 1.11 -2.43
C SER A 192 -0.38 0.43 -3.32
N ASN A 193 -0.27 -0.85 -3.63
CA ASN A 193 -1.21 -1.45 -4.61
C ASN A 193 -1.30 -0.49 -5.78
N ALA A 194 -0.16 -0.10 -6.35
CA ALA A 194 -0.15 0.95 -7.39
C ALA A 194 -0.62 0.45 -8.74
N HIS A 195 -1.68 1.05 -9.25
CA HIS A 195 -2.14 0.71 -10.59
C HIS A 195 -1.74 1.77 -11.62
N SER A 196 -1.25 2.92 -11.18
CA SER A 196 -0.84 4.02 -12.03
C SER A 196 0.46 4.57 -11.48
N PRO A 197 1.36 5.03 -12.35
CA PRO A 197 2.63 5.62 -11.88
C PRO A 197 2.50 7.07 -11.42
N ASN A 198 1.29 7.58 -11.26
CA ASN A 198 1.10 8.97 -10.92
C ASN A 198 1.64 9.28 -9.52
N PRO A 199 1.87 10.57 -9.22
CA PRO A 199 2.36 10.94 -7.87
C PRO A 199 1.59 10.31 -6.72
N HIS A 200 0.27 10.44 -6.71
CA HIS A 200 -0.54 10.01 -5.58
C HIS A 200 -0.84 8.52 -5.57
N ARG A 201 -0.31 7.76 -6.54
CA ARG A 201 -0.56 6.32 -6.61
C ARG A 201 0.69 5.50 -6.34
N LEU A 202 1.74 5.68 -7.13
CA LEU A 202 2.97 4.92 -6.93
C LEU A 202 3.65 5.38 -5.64
N GLY A 203 3.84 4.45 -4.71
CA GLY A 203 4.49 4.79 -3.47
C GLY A 203 3.67 5.64 -2.52
N ARG A 204 2.34 5.53 -2.59
CA ARG A 204 1.51 6.22 -1.62
C ARG A 204 1.76 5.70 -0.20
N GLU A 205 2.10 4.41 -0.09
CA GLU A 205 2.60 3.81 1.15
C GLU A 205 3.92 3.13 0.83
N PHE A 206 4.79 3.02 1.83
CA PHE A 206 6.07 2.34 1.65
C PHE A 206 6.61 1.92 3.01
N ASN A 207 7.69 1.15 2.96
CA ASN A 207 8.35 0.62 4.14
C ASN A 207 9.80 1.10 4.13
N ARG A 208 10.26 1.67 5.24
CA ARG A 208 11.62 2.16 5.35
C ARG A 208 12.45 1.10 6.07
N PHE A 209 13.31 0.43 5.28
CA PHE A 209 14.14 -0.67 5.73
C PHE A 209 15.55 -0.16 6.04
N GLU A 210 16.16 -0.76 7.07
CA GLU A 210 17.58 -0.63 7.34
C GLU A 210 18.26 -1.89 6.82
N VAL A 211 19.11 -1.76 5.81
CA VAL A 211 19.75 -2.89 5.14
C VAL A 211 21.20 -2.51 4.84
N LYS A 212 21.99 -3.52 4.51
CA LYS A 212 23.39 -3.30 4.16
C LYS A 212 23.55 -3.01 2.67
N ASP A 213 22.94 -3.84 1.83
CA ASP A 213 22.76 -3.56 0.41
C ASP A 213 21.29 -3.76 0.06
N VAL A 214 20.89 -3.26 -1.10
CA VAL A 214 19.51 -3.42 -1.57
C VAL A 214 19.47 -4.70 -2.38
N THR A 215 19.29 -5.82 -1.69
CA THR A 215 19.11 -7.14 -2.30
C THR A 215 17.99 -7.85 -1.57
N PHE A 216 17.42 -8.87 -2.23
CA PHE A 216 16.27 -9.56 -1.66
C PHE A 216 16.58 -10.12 -0.28
N GLU A 217 17.75 -10.74 -0.10
CA GLU A 217 18.07 -11.37 1.18
C GLU A 217 18.15 -10.33 2.29
N GLU A 218 18.67 -9.14 1.97
CA GLU A 218 18.68 -8.07 2.97
C GLU A 218 17.27 -7.66 3.36
N ILE A 219 16.38 -7.54 2.37
CA ILE A 219 14.99 -7.19 2.66
C ILE A 219 14.32 -8.28 3.49
N ARG A 220 14.62 -9.54 3.20
CA ARG A 220 14.05 -10.65 3.95
C ARG A 220 14.52 -10.63 5.40
N LYS A 221 15.81 -10.38 5.61
CA LYS A 221 16.32 -10.25 6.98
C LYS A 221 15.66 -9.08 7.70
N ALA A 222 15.45 -7.96 6.98
CA ALA A 222 14.84 -6.79 7.60
C ALA A 222 13.40 -7.07 8.01
N ILE A 223 12.65 -7.76 7.15
CA ILE A 223 11.28 -8.12 7.50
C ILE A 223 11.26 -9.06 8.68
N LYS A 224 12.14 -10.07 8.67
CA LYS A 224 12.26 -10.97 9.82
C LYS A 224 12.92 -10.28 11.01
N GLY A 225 13.63 -9.17 10.79
CA GLY A 225 14.27 -8.45 11.87
C GLY A 225 15.46 -9.17 12.48
N VAL A 226 16.42 -9.54 11.63
CA VAL A 226 17.57 -10.32 12.07
C VAL A 226 18.86 -9.67 11.55
N GLY A 227 19.95 -9.96 12.24
CA GLY A 227 21.27 -9.52 11.79
C GLY A 227 21.41 -8.03 11.60
N GLY A 228 20.78 -7.24 12.47
CA GLY A 228 20.87 -5.79 12.38
C GLY A 228 19.86 -5.17 11.44
N ARG A 229 19.49 -5.90 10.39
CA ARG A 229 18.48 -5.41 9.48
C ARG A 229 17.10 -5.39 10.14
N LYS A 230 16.28 -4.43 9.73
CA LYS A 230 14.98 -4.25 10.37
C LYS A 230 14.16 -3.27 9.55
N ILE A 231 12.83 -3.44 9.62
CA ILE A 231 11.89 -2.48 9.08
C ILE A 231 11.78 -1.35 10.11
N MET A 232 12.52 -0.28 9.90
CA MET A 232 12.55 0.79 10.91
C MET A 232 11.40 1.78 10.76
N LEU A 233 10.66 1.75 9.66
CA LEU A 233 9.53 2.68 9.55
C LEU A 233 8.47 2.11 8.62
N ASN A 234 7.22 2.50 8.86
CA ASN A 234 6.08 2.10 8.05
C ASN A 234 5.32 3.37 7.65
N ALA A 235 5.54 3.88 6.44
CA ALA A 235 4.85 5.07 5.99
C ALA A 235 3.64 4.67 5.16
N GLY A 236 2.54 5.39 5.32
CA GLY A 236 1.32 5.00 4.64
C GLY A 236 0.28 6.09 4.65
N LEU A 237 -0.78 5.85 3.88
CA LEU A 237 -1.91 6.75 3.84
C LEU A 237 -2.63 6.73 5.19
N ASP A 238 -3.04 7.91 5.63
CA ASP A 238 -3.86 8.03 6.83
C ASP A 238 -5.07 7.11 6.69
N PRO A 239 -5.39 6.30 7.70
CA PRO A 239 -6.46 5.30 7.55
C PRO A 239 -7.78 5.89 7.08
N ARG A 240 -8.08 7.14 7.43
CA ARG A 240 -9.36 7.73 7.07
C ARG A 240 -9.47 8.03 5.58
N LEU A 241 -8.35 8.17 4.87
CA LEU A 241 -8.40 8.49 3.45
C LEU A 241 -8.73 7.28 2.58
N GLY A 242 -8.75 6.07 3.14
CA GLY A 242 -8.89 4.89 2.34
C GLY A 242 -10.28 4.71 1.74
N LYS A 243 -10.34 3.85 0.72
CA LYS A 243 -11.60 3.62 0.02
C LYS A 243 -12.63 2.93 0.90
N TYR A 244 -12.18 2.13 1.88
CA TYR A 244 -13.08 1.29 2.66
C TYR A 244 -12.86 1.46 4.15
N HIS A 245 -12.47 2.66 4.59
CA HIS A 245 -12.22 2.87 6.02
C HIS A 245 -13.51 2.71 6.82
N LEU A 246 -14.54 3.44 6.45
CA LEU A 246 -15.83 3.36 7.13
C LEU A 246 -16.80 2.53 6.30
N THR A 247 -17.83 2.02 6.98
CA THR A 247 -18.87 1.28 6.30
C THR A 247 -19.74 2.24 5.50
N ALA A 248 -19.94 1.94 4.23
CA ALA A 248 -20.71 2.80 3.35
C ALA A 248 -21.27 1.97 2.20
N CYS A 249 -22.05 2.63 1.36
CA CYS A 249 -22.69 1.96 0.22
C CYS A 249 -21.73 1.88 -0.95
N SER A 250 -21.84 0.79 -1.71
CA SER A 250 -20.98 0.59 -2.87
C SER A 250 -21.44 1.35 -4.11
N ARG A 251 -22.59 2.01 -4.04
CA ARG A 251 -23.15 2.72 -5.20
C ARG A 251 -23.24 4.22 -4.96
N CYS A 252 -23.90 4.65 -3.89
CA CYS A 252 -24.03 6.08 -3.60
C CYS A 252 -22.97 6.58 -2.61
N TYR A 253 -22.25 5.66 -1.96
CA TYR A 253 -21.14 6.02 -1.06
C TYR A 253 -21.61 6.81 0.17
N THR A 254 -22.78 6.46 0.69
CA THR A 254 -23.31 7.08 1.89
C THR A 254 -22.85 6.29 3.11
N LYS A 255 -22.27 6.99 4.08
CA LYS A 255 -21.68 6.33 5.24
C LYS A 255 -22.77 5.88 6.20
N TYR A 256 -22.68 4.63 6.67
CA TYR A 256 -23.57 4.07 7.67
C TYR A 256 -22.75 3.50 8.81
N THR A 257 -23.31 3.54 10.02
CA THR A 257 -22.68 2.90 11.15
C THR A 257 -22.85 1.38 11.03
N LEU A 258 -22.11 0.64 11.87
CA LEU A 258 -22.27 -0.80 11.89
C LEU A 258 -23.63 -1.21 12.42
N GLN A 259 -24.13 -0.47 13.43
CA GLN A 259 -25.46 -0.72 13.96
C GLN A 259 -26.52 -0.52 12.87
N ASP A 260 -26.48 0.64 12.20
CA ASP A 260 -27.41 0.89 11.11
C ASP A 260 -27.23 -0.10 9.97
N ALA A 261 -25.99 -0.57 9.76
CA ALA A 261 -25.75 -1.56 8.71
C ALA A 261 -26.45 -2.87 9.02
N VAL A 262 -26.28 -3.40 10.23
CA VAL A 262 -26.95 -4.64 10.59
C VAL A 262 -28.47 -4.45 10.66
N SER A 263 -28.93 -3.24 11.02
CA SER A 263 -30.37 -2.98 11.03
C SER A 263 -30.93 -3.00 9.62
N LEU A 264 -30.27 -2.32 8.68
CA LEU A 264 -30.69 -2.33 7.29
C LEU A 264 -30.37 -3.64 6.58
N SER A 265 -29.69 -4.58 7.26
CA SER A 265 -29.30 -5.86 6.66
C SER A 265 -28.44 -5.68 5.42
N TRP A 266 -27.60 -4.64 5.43
CA TRP A 266 -26.68 -4.34 4.34
C TRP A 266 -27.41 -4.00 3.04
N LYS A 267 -28.47 -3.19 3.16
CA LYS A 267 -29.23 -2.69 2.02
C LYS A 267 -29.35 -1.19 2.16
N CYS A 268 -28.75 -0.44 1.25
CA CYS A 268 -28.79 1.02 1.30
C CYS A 268 -30.20 1.50 1.01
N PRO A 269 -30.90 2.12 1.98
CA PRO A 269 -32.31 2.50 1.75
C PRO A 269 -32.52 3.48 0.63
N LYS A 270 -31.87 4.65 0.69
CA LYS A 270 -32.06 5.69 -0.31
C LYS A 270 -31.21 5.47 -1.56
N CYS A 271 -30.61 4.31 -1.72
CA CYS A 271 -29.81 4.02 -2.90
C CYS A 271 -30.20 2.71 -3.57
N GLY A 272 -30.54 1.69 -2.80
CA GLY A 272 -30.79 0.38 -3.36
C GLY A 272 -29.55 -0.41 -3.69
N GLY A 273 -28.41 -0.04 -3.09
CA GLY A 273 -27.14 -0.70 -3.36
C GLY A 273 -26.62 -1.47 -2.16
N ILE A 274 -25.61 -2.29 -2.43
CA ILE A 274 -24.99 -3.10 -1.40
C ILE A 274 -24.05 -2.21 -0.59
N ILE A 275 -24.24 -2.16 0.72
CA ILE A 275 -23.36 -1.43 1.60
C ILE A 275 -22.32 -2.40 2.17
N LYS A 276 -21.06 -1.98 2.15
CA LYS A 276 -19.94 -2.84 2.51
C LYS A 276 -19.27 -2.38 3.79
N LYS A 277 -18.87 -3.36 4.60
CA LYS A 277 -18.37 -3.08 5.94
C LYS A 277 -16.97 -2.47 5.87
N GLY A 278 -16.77 -1.36 6.58
CA GLY A 278 -15.48 -0.72 6.59
C GLY A 278 -14.46 -1.48 7.41
N VAL A 279 -13.18 -1.21 7.12
CA VAL A 279 -12.10 -1.94 7.78
C VAL A 279 -12.02 -1.59 9.26
N ARG A 280 -12.41 -0.37 9.63
CA ARG A 280 -12.41 0.02 11.04
C ARG A 280 -13.41 -0.80 11.83
N ASP A 281 -14.64 -0.91 11.31
CA ASP A 281 -15.66 -1.72 11.98
C ASP A 281 -15.28 -3.20 11.98
N ARG A 282 -14.64 -3.67 10.90
CA ARG A 282 -14.19 -5.06 10.87
C ARG A 282 -13.16 -5.34 11.95
N ILE A 283 -12.17 -4.46 12.08
CA ILE A 283 -11.16 -4.62 13.12
C ILE A 283 -11.79 -4.55 14.49
N LEU A 284 -12.76 -3.65 14.69
CA LEU A 284 -13.46 -3.59 15.97
C LEU A 284 -14.20 -4.89 16.26
N GLU A 285 -14.76 -5.52 15.22
CA GLU A 285 -15.37 -6.84 15.40
C GLU A 285 -14.33 -7.85 15.86
N LEU A 286 -13.19 -7.89 15.19
CA LEU A 286 -12.13 -8.85 15.52
C LEU A 286 -11.24 -8.39 16.67
N ALA A 287 -11.66 -7.39 17.44
CA ALA A 287 -10.80 -6.83 18.49
C ALA A 287 -10.44 -7.89 19.52
N ASP A 288 -9.18 -7.90 19.93
CA ASP A 288 -8.67 -8.86 20.89
C ASP A 288 -8.16 -8.21 22.16
N THR A 289 -7.26 -7.22 22.04
CA THR A 289 -6.61 -6.63 23.20
C THR A 289 -6.43 -5.15 22.98
N SER A 290 -6.28 -4.42 24.09
CA SER A 290 -5.96 -3.00 24.07
C SER A 290 -4.46 -2.75 24.07
N GLU A 291 -3.64 -3.80 24.04
CA GLU A 291 -2.20 -3.69 24.10
C GLU A 291 -1.60 -3.91 22.71
N LYS A 292 -0.32 -3.57 22.59
CA LYS A 292 0.40 -3.69 21.33
C LYS A 292 1.89 -3.83 21.64
N PRO A 293 2.65 -4.52 20.78
CA PRO A 293 4.06 -4.80 21.11
C PRO A 293 4.93 -3.57 20.98
N LYS A 294 6.10 -3.64 21.61
CA LYS A 294 7.04 -2.52 21.61
C LYS A 294 7.97 -2.55 20.40
N ASP A 295 8.38 -3.75 19.97
CA ASP A 295 9.24 -3.86 18.79
C ASP A 295 8.55 -3.40 17.51
N ARG A 296 7.27 -3.05 17.56
CA ARG A 296 6.56 -2.58 16.38
C ARG A 296 7.16 -1.25 15.93
N PRO A 297 7.55 -1.12 14.67
CA PRO A 297 8.05 0.17 14.18
C PRO A 297 6.92 1.18 14.12
N PRO A 298 7.25 2.48 14.11
CA PRO A 298 6.19 3.49 14.06
C PRO A 298 5.55 3.57 12.68
N TYR A 299 4.34 4.09 12.66
CA TYR A 299 3.55 4.26 11.43
C TYR A 299 3.32 5.76 11.26
N VAL A 300 3.95 6.34 10.25
CA VAL A 300 3.79 7.75 9.95
C VAL A 300 2.65 7.87 8.94
N ARG A 301 1.52 8.42 9.39
CA ARG A 301 0.40 8.67 8.50
C ARG A 301 0.72 9.86 7.62
N LEU A 302 0.48 9.73 6.32
CA LEU A 302 0.73 10.82 5.39
C LEU A 302 -0.41 10.91 4.39
N ALA A 303 -0.69 12.13 3.95
CA ALA A 303 -1.56 12.42 2.82
C ALA A 303 -0.70 12.72 1.61
N PRO A 304 -1.06 12.20 0.43
CA PRO A 304 -0.20 12.40 -0.75
C PRO A 304 0.01 13.88 -1.03
N LEU A 305 1.26 14.25 -1.32
CA LEU A 305 1.60 15.64 -1.55
C LEU A 305 0.79 16.21 -2.71
N ALA A 306 0.57 15.40 -3.75
CA ALA A 306 -0.23 15.86 -4.88
C ALA A 306 -1.65 16.17 -4.46
N GLU A 307 -2.20 15.39 -3.52
CA GLU A 307 -3.55 15.67 -3.02
C GLU A 307 -3.58 17.00 -2.26
N ILE A 308 -2.57 17.27 -1.45
CA ILE A 308 -2.51 18.54 -0.73
C ILE A 308 -2.37 19.70 -1.70
N ILE A 309 -1.54 19.53 -2.73
CA ILE A 309 -1.36 20.58 -3.74
C ILE A 309 -2.67 20.84 -4.46
N ALA A 310 -3.39 19.77 -4.83
CA ALA A 310 -4.65 19.93 -5.54
C ALA A 310 -5.72 20.56 -4.64
N MET A 311 -5.69 20.29 -3.34
CA MET A 311 -6.68 20.91 -2.45
C MET A 311 -6.33 22.36 -2.12
N VAL A 312 -5.04 22.72 -2.14
CA VAL A 312 -4.67 24.10 -1.88
C VAL A 312 -4.91 24.96 -3.12
N LEU A 313 -4.46 24.49 -4.28
CA LEU A 313 -4.67 25.21 -5.54
C LEU A 313 -6.11 25.19 -5.99
N GLY A 314 -6.97 24.41 -5.35
CA GLY A 314 -8.37 24.30 -5.75
C GLY A 314 -8.56 23.72 -7.13
N LYS A 315 -7.66 22.86 -7.57
CA LYS A 315 -7.70 22.29 -8.91
C LYS A 315 -7.70 20.76 -8.84
N GLY A 316 -7.89 20.14 -10.00
CA GLY A 316 -7.95 18.70 -10.06
C GLY A 316 -6.61 18.04 -9.81
N ILE A 317 -6.67 16.77 -9.42
CA ILE A 317 -5.45 16.04 -9.07
C ILE A 317 -4.57 15.82 -10.30
N GLU A 318 -5.15 15.78 -11.49
CA GLU A 318 -4.41 15.52 -12.72
C GLU A 318 -4.06 16.78 -13.48
N SER A 319 -4.39 17.96 -12.95
CA SER A 319 -4.16 19.20 -13.69
C SER A 319 -2.67 19.45 -13.87
N LYS A 320 -2.34 20.23 -14.90
CA LYS A 320 -0.94 20.55 -15.17
C LYS A 320 -0.36 21.48 -14.11
N ALA A 321 -1.21 22.25 -13.43
CA ALA A 321 -0.73 23.15 -12.38
C ALA A 321 -0.22 22.37 -11.18
N VAL A 322 -1.02 21.41 -10.70
CA VAL A 322 -0.57 20.59 -9.56
C VAL A 322 0.62 19.72 -9.96
N LYS A 323 0.66 19.23 -11.20
CA LYS A 323 1.83 18.48 -11.64
C LYS A 323 3.08 19.34 -11.65
N LEU A 324 2.96 20.58 -12.11
CA LEU A 324 4.12 21.48 -12.12
C LEU A 324 4.58 21.79 -10.71
N LEU A 325 3.64 22.09 -9.80
CA LEU A 325 4.03 22.38 -8.42
C LEU A 325 4.66 21.17 -7.75
N TRP A 326 4.10 19.97 -8.00
CA TRP A 326 4.67 18.74 -7.46
C TRP A 326 6.08 18.52 -7.98
N ASN A 327 6.30 18.77 -9.27
CA ASN A 327 7.64 18.59 -9.83
C ASN A 327 8.62 19.61 -9.27
N ARG A 328 8.16 20.84 -9.02
CA ARG A 328 9.05 21.84 -8.42
C ARG A 328 9.42 21.45 -6.99
N PHE A 329 8.46 20.94 -6.22
CA PHE A 329 8.76 20.48 -4.87
C PHE A 329 9.72 19.30 -4.89
N LEU A 330 9.53 18.36 -5.81
CA LEU A 330 10.40 17.19 -5.87
C LEU A 330 11.78 17.51 -6.46
N ARG A 331 11.90 18.60 -7.21
CA ARG A 331 13.21 19.03 -7.67
C ARG A 331 13.97 19.76 -6.58
N GLU A 332 13.30 20.69 -5.89
CA GLU A 332 13.97 21.46 -4.84
C GLU A 332 14.40 20.57 -3.69
N PHE A 333 13.64 19.49 -3.41
CA PHE A 333 13.91 18.62 -2.28
C PHE A 333 14.03 17.16 -2.74
N GLY A 334 14.00 16.22 -1.80
CA GLY A 334 14.27 14.84 -2.14
C GLY A 334 13.07 13.98 -2.48
N SER A 335 12.10 13.91 -1.57
CA SER A 335 10.99 12.97 -1.72
C SER A 335 9.74 13.59 -1.11
N GLU A 336 8.60 12.93 -1.38
CA GLU A 336 7.33 13.40 -0.83
C GLU A 336 7.32 13.33 0.69
N ILE A 337 7.81 12.21 1.24
CA ILE A 337 7.76 12.01 2.69
C ILE A 337 8.56 13.09 3.41
N ARG A 338 9.69 13.50 2.83
CA ARG A 338 10.49 14.56 3.43
C ARG A 338 9.71 15.86 3.47
N VAL A 339 9.07 16.23 2.35
CA VAL A 339 8.30 17.47 2.31
C VAL A 339 7.11 17.41 3.26
N LEU A 340 6.56 16.22 3.50
CA LEU A 340 5.35 16.12 4.30
C LEU A 340 5.63 16.10 5.79
N ILE A 341 6.65 15.36 6.23
CA ILE A 341 6.88 15.09 7.64
C ILE A 341 8.13 15.78 8.17
N ASP A 342 9.25 15.64 7.45
CA ASP A 342 10.55 16.07 7.99
C ASP A 342 10.85 17.55 7.75
N LEU A 343 10.58 18.05 6.55
CA LEU A 343 11.04 19.38 6.16
C LEU A 343 10.35 20.45 7.00
N PRO A 344 11.09 21.45 7.47
CA PRO A 344 10.46 22.54 8.22
C PRO A 344 9.56 23.39 7.32
N ILE A 345 8.48 23.89 7.90
CA ILE A 345 7.47 24.59 7.10
C ILE A 345 8.02 25.87 6.49
N GLU A 346 8.97 26.52 7.15
CA GLU A 346 9.58 27.72 6.57
C GLU A 346 10.33 27.40 5.28
N SER A 347 10.99 26.24 5.24
CA SER A 347 11.65 25.81 4.00
C SER A 347 10.63 25.43 2.93
N ILE A 348 9.46 24.92 3.34
CA ILE A 348 8.42 24.61 2.37
C ILE A 348 7.84 25.89 1.78
N ALA A 349 7.74 26.94 2.59
CA ALA A 349 7.14 28.19 2.14
C ALA A 349 7.97 28.87 1.05
N SER A 350 9.23 28.50 0.90
CA SER A 350 10.04 29.06 -0.19
C SER A 350 9.49 28.65 -1.55
N VAL A 351 8.98 27.43 -1.66
CA VAL A 351 8.43 26.97 -2.93
C VAL A 351 6.97 27.40 -3.07
N HIS A 352 6.18 27.23 -2.01
CA HIS A 352 4.80 27.67 -2.01
C HIS A 352 4.37 27.91 -0.58
N GLU A 353 3.68 29.03 -0.34
CA GLU A 353 3.29 29.39 1.01
C GLU A 353 2.01 28.68 1.44
N GLY A 354 1.01 28.62 0.55
CA GLY A 354 -0.23 27.93 0.89
C GLY A 354 -0.01 26.45 1.14
N VAL A 355 0.84 25.82 0.33
CA VAL A 355 1.15 24.41 0.53
C VAL A 355 1.86 24.20 1.87
N ALA A 356 2.74 25.14 2.24
CA ALA A 356 3.41 25.05 3.53
C ALA A 356 2.42 25.17 4.68
N LYS A 357 1.45 26.08 4.55
CA LYS A 357 0.43 26.21 5.59
C LYS A 357 -0.41 24.95 5.69
N ALA A 358 -0.75 24.34 4.55
CA ALA A 358 -1.53 23.12 4.57
C ALA A 358 -0.74 21.95 5.17
N ILE A 359 0.57 21.90 4.90
CA ILE A 359 1.40 20.84 5.47
C ILE A 359 1.55 21.04 6.98
N TRP A 360 1.64 22.30 7.41
CA TRP A 360 1.63 22.56 8.85
C TRP A 360 0.31 22.12 9.48
N ALA A 361 -0.80 22.40 8.79
CA ALA A 361 -2.10 21.99 9.32
C ALA A 361 -2.24 20.48 9.37
N TYR A 362 -1.63 19.78 8.41
CA TYR A 362 -1.66 18.32 8.45
C TYR A 362 -0.77 17.77 9.55
N ARG A 363 0.40 18.40 9.78
CA ARG A 363 1.28 17.96 10.85
C ARG A 363 0.65 18.17 12.22
N ASN A 364 0.00 19.32 12.42
CA ASN A 364 -0.66 19.62 13.68
C ASN A 364 -2.08 19.07 13.75
N ASN A 365 -2.48 18.23 12.78
CA ASN A 365 -3.77 17.54 12.80
C ASN A 365 -4.95 18.51 12.82
N LYS A 366 -4.76 19.72 12.29
CA LYS A 366 -5.83 20.69 12.13
C LYS A 366 -6.37 20.75 10.71
N LEU A 367 -6.37 19.60 10.02
CA LEU A 367 -6.80 19.50 8.63
C LEU A 367 -8.05 18.64 8.60
N ILE A 368 -9.13 19.17 8.05
CA ILE A 368 -10.41 18.46 8.05
C ILE A 368 -10.30 17.25 7.12
N ILE A 369 -10.76 16.09 7.61
CA ILE A 369 -10.68 14.85 6.85
C ILE A 369 -12.05 14.17 6.91
N VAL A 370 -12.70 14.06 5.76
CA VAL A 370 -13.92 13.27 5.64
C VAL A 370 -13.53 11.86 5.22
N PRO A 371 -13.77 10.85 6.06
CA PRO A 371 -13.27 9.51 5.76
C PRO A 371 -14.00 8.88 4.59
N GLY A 372 -13.29 7.97 3.90
CA GLY A 372 -13.86 7.28 2.78
C GLY A 372 -14.47 5.93 3.17
N GLY A 373 -15.31 5.41 2.27
CA GLY A 373 -16.01 4.17 2.53
C GLY A 373 -16.70 3.62 1.30
N GLY A 374 -16.88 2.30 1.27
CA GLY A 374 -17.59 1.66 0.17
C GLY A 374 -16.89 1.66 -1.16
N GLY A 375 -15.74 2.33 -1.29
CA GLY A 375 -15.04 2.39 -2.56
C GLY A 375 -14.70 3.81 -2.95
N LYS A 376 -15.05 4.75 -2.08
CA LYS A 376 -14.78 6.17 -2.29
C LYS A 376 -13.66 6.60 -1.35
N TYR A 377 -12.69 7.33 -1.88
CA TYR A 377 -11.57 7.79 -1.07
C TYR A 377 -11.99 8.93 -0.15
N GLY A 378 -11.33 9.02 0.99
CA GLY A 378 -11.53 10.16 1.87
C GLY A 378 -10.96 11.43 1.28
N GLU A 379 -11.45 12.56 1.78
CA GLU A 379 -11.10 13.86 1.24
C GLU A 379 -10.55 14.75 2.34
N ILE A 380 -9.61 15.62 1.97
CA ILE A 380 -8.97 16.54 2.90
C ILE A 380 -9.33 17.96 2.50
N ARG A 381 -9.79 18.74 3.47
CA ARG A 381 -10.14 20.14 3.27
C ARG A 381 -9.46 20.97 4.35
N ILE A 382 -9.13 22.21 4.02
CA ILE A 382 -8.44 23.10 4.94
C ILE A 382 -9.40 24.18 5.42
N PRO A 383 -9.37 24.56 6.70
CA PRO A 383 -10.19 25.68 7.16
C PRO A 383 -9.76 26.99 6.50
N GLU A 384 -10.63 27.99 6.62
CA GLU A 384 -10.35 29.29 6.01
C GLU A 384 -9.23 30.01 6.76
N GLU A 385 -9.31 30.05 8.10
CA GLU A 385 -8.36 30.80 8.90
C GLU A 385 -6.94 30.28 8.76
N ILE A 386 -6.77 29.01 8.36
CA ILE A 386 -5.43 28.50 8.15
C ILE A 386 -4.82 29.11 6.89
N LEU A 387 -5.63 29.35 5.86
CA LEU A 387 -5.11 29.88 4.61
C LEU A 387 -5.01 31.40 4.62
N LYS A 388 -5.96 32.07 5.26
CA LYS A 388 -5.97 33.53 5.25
C LYS A 388 -4.97 34.15 6.21
N ALA A 389 -4.51 33.40 7.22
CA ALA A 389 -3.56 33.92 8.20
C ALA A 389 -2.13 33.67 7.76
N LYS A 390 -1.23 34.50 8.26
CA LYS A 390 0.19 34.37 7.97
C LYS A 390 0.76 33.15 8.68
N ILE A 391 2.07 32.93 8.49
CA ILE A 391 2.71 31.74 9.05
C ILE A 391 3.27 32.00 10.45
N GLU A 392 3.75 33.21 10.73
CA GLU A 392 4.37 33.49 12.02
C GLU A 392 3.36 33.30 13.17
N ASP A 393 2.18 33.91 13.04
CA ASP A 393 1.13 33.80 14.04
C ASP A 393 0.32 32.51 13.93
N LEU A 394 0.76 31.56 13.10
CA LEU A 394 -0.01 30.34 12.89
C LEU A 394 0.10 29.41 14.08
N ASN A 395 1.32 29.19 14.58
CA ASN A 395 1.53 28.34 15.73
C ASN A 395 1.71 29.17 17.00
#